data_7K3J
#
_entry.id   7K3J
#
_cell.length_a   38.100
_cell.length_b   175.230
_cell.length_c   51.020
_cell.angle_alpha   90.000
_cell.angle_beta   105.480
_cell.angle_gamma   90.000
#
_symmetry.space_group_name_H-M   'P 1 21 1'
#
loop_
_entity.id
_entity.type
_entity.pdbx_description
1 polymer 'Dynein light chain 1, cytoplasmic'
2 polymer 'Protein panoramix'
3 non-polymer 'SULFATE ION'
#
loop_
_entity_poly.entity_id
_entity_poly.type
_entity_poly.pdbx_seq_one_letter_code
_entity_poly.pdbx_strand_id
1 'polypeptide(L)'
;MSDRKAVIKNADMSEEMQQDAVDCATQALEKYNIEKDIAAYIKKEFDKKYNPTWHCIVGRNFGSYVTHETRHFIYFYLGQ
VAILLFKSG
;
A,C,E,G,I,K
2 'polypeptide(L)' STLYKNAATQTERRTATRDAGTQVRLE B,D,F,H
#
loop_
_chem_comp.id
_chem_comp.type
_chem_comp.name
_chem_comp.formula
SO4 non-polymer 'SULFATE ION' 'O4 S -2'
#
# COMPACT_ATOMS: atom_id res chain seq x y z
N LYS A 5 13.04 -4.15 24.28
CA LYS A 5 12.17 -2.99 24.42
C LYS A 5 10.96 -3.08 23.50
N ALA A 6 10.67 -4.30 23.05
CA ALA A 6 9.60 -4.57 22.10
C ALA A 6 8.54 -5.43 22.77
N VAL A 7 7.27 -5.01 22.65
CA VAL A 7 6.15 -5.77 23.17
C VAL A 7 5.30 -6.17 21.96
N ILE A 8 5.23 -7.47 21.70
CA ILE A 8 4.45 -8.01 20.59
C ILE A 8 3.03 -8.25 21.09
N LYS A 9 2.07 -7.50 20.53
CA LYS A 9 0.69 -7.62 21.00
C LYS A 9 -0.06 -8.78 20.32
N ASN A 10 0.08 -8.92 19.00
CA ASN A 10 -0.57 -10.01 18.30
C ASN A 10 0.29 -10.42 17.11
N ALA A 11 0.29 -11.71 16.81
CA ALA A 11 1.12 -12.18 15.70
C ALA A 11 0.55 -13.48 15.13
N ASP A 12 0.65 -13.59 13.79
CA ASP A 12 0.44 -14.83 13.03
C ASP A 12 1.60 -14.85 12.05
N MET A 13 2.77 -15.26 12.53
CA MET A 13 4.00 -15.31 11.76
C MET A 13 5.04 -16.11 12.54
N SER A 14 6.07 -16.59 11.86
CA SER A 14 7.12 -17.38 12.49
C SER A 14 7.92 -16.52 13.47
N GLU A 15 8.45 -17.17 14.51
CA GLU A 15 9.30 -16.45 15.46
C GLU A 15 10.55 -15.90 14.77
N GLU A 16 11.06 -16.62 13.77
CA GLU A 16 12.21 -16.11 13.05
C GLU A 16 11.83 -14.85 12.31
N MET A 17 10.65 -14.85 11.67
CA MET A 17 10.17 -13.65 11.00
C MET A 17 9.79 -12.56 12.02
N GLN A 18 9.24 -12.98 13.17
CA GLN A 18 8.92 -12.03 14.24
C GLN A 18 10.14 -11.25 14.70
N GLN A 19 11.24 -11.94 15.00
CA GLN A 19 12.43 -11.26 15.47
C GLN A 19 12.99 -10.35 14.39
N ASP A 20 12.92 -10.81 13.14
CA ASP A 20 13.40 -10.01 12.02
C ASP A 20 12.61 -8.70 11.89
N ALA A 21 11.29 -8.77 12.01
CA ALA A 21 10.45 -7.56 11.99
C ALA A 21 10.86 -6.58 13.07
N VAL A 22 11.08 -7.08 14.29
CA VAL A 22 11.47 -6.21 15.40
C VAL A 22 12.86 -5.63 15.15
N ASP A 23 13.79 -6.47 14.69
CA ASP A 23 15.14 -5.98 14.38
C ASP A 23 15.09 -4.94 13.27
N CYS A 24 14.34 -5.22 12.20
CA CYS A 24 14.23 -4.25 11.10
C CYS A 24 13.61 -2.95 11.56
N ALA A 25 12.62 -3.02 12.44
CA ALA A 25 11.97 -1.80 12.93
C ALA A 25 12.94 -0.96 13.77
N THR A 26 13.69 -1.61 14.66
CA THR A 26 14.69 -0.90 15.45
C THR A 26 15.65 -0.12 14.56
N GLN A 27 16.11 -0.75 13.47
CA GLN A 27 16.99 -0.07 12.53
C GLN A 27 16.30 1.14 11.91
N ALA A 28 15.04 0.97 11.51
CA ALA A 28 14.29 2.09 10.94
C ALA A 28 14.18 3.25 11.93
N LEU A 29 13.96 2.94 13.21
CA LEU A 29 13.87 3.99 14.23
C LEU A 29 15.19 4.71 14.42
N GLU A 30 16.31 3.99 14.28
CA GLU A 30 17.61 4.62 14.43
C GLU A 30 17.87 5.64 13.34
N LYS A 31 17.44 5.36 12.11
CA LYS A 31 17.78 6.22 10.98
C LYS A 31 16.76 7.31 10.70
N TYR A 32 15.48 7.07 10.99
CA TYR A 32 14.43 7.97 10.55
C TYR A 32 13.63 8.52 11.72
N ASN A 33 12.95 9.64 11.47
CA ASN A 33 12.16 10.35 12.46
C ASN A 33 10.68 10.44 12.11
N ILE A 34 10.32 10.38 10.84
CA ILE A 34 8.93 10.49 10.42
C ILE A 34 8.36 9.09 10.29
N GLU A 35 7.18 8.89 10.87
CA GLU A 35 6.56 7.56 10.88
C GLU A 35 6.41 7.01 9.47
N LYS A 36 6.05 7.86 8.52
CA LYS A 36 5.92 7.43 7.13
C LYS A 36 7.22 6.81 6.61
N ASP A 37 8.36 7.43 6.92
CA ASP A 37 9.63 6.91 6.44
C ASP A 37 10.04 5.65 7.18
N ILE A 38 9.79 5.59 8.49
CA ILE A 38 10.01 4.37 9.26
C ILE A 38 9.22 3.22 8.64
N ALA A 39 7.94 3.44 8.36
CA ALA A 39 7.11 2.40 7.75
C ALA A 39 7.67 2.01 6.39
N ALA A 40 8.15 2.98 5.60
CA ALA A 40 8.68 2.69 4.28
C ALA A 40 9.90 1.77 4.35
N TYR A 41 10.83 2.07 5.26
CA TYR A 41 12.03 1.24 5.40
C TYR A 41 11.67 -0.21 5.67
N ILE A 42 10.73 -0.44 6.60
CA ILE A 42 10.37 -1.81 6.96
C ILE A 42 9.69 -2.51 5.78
N LYS A 43 8.72 -1.84 5.16
CA LYS A 43 7.99 -2.44 4.05
C LYS A 43 8.91 -2.78 2.89
N LYS A 44 9.84 -1.88 2.55
CA LYS A 44 10.72 -2.14 1.42
C LYS A 44 11.63 -3.33 1.67
N GLU A 45 12.31 -3.34 2.83
CA GLU A 45 13.17 -4.46 3.17
C GLU A 45 12.39 -5.76 3.24
N PHE A 46 11.17 -5.72 3.78
CA PHE A 46 10.35 -6.92 3.87
C PHE A 46 9.83 -7.35 2.51
N ASP A 47 9.79 -6.43 1.54
CA ASP A 47 9.52 -6.82 0.16
C ASP A 47 10.72 -7.52 -0.47
N LYS A 48 11.94 -7.15 -0.05
CA LYS A 48 13.14 -7.79 -0.58
C LYS A 48 13.39 -9.16 0.05
N LYS A 49 13.55 -9.20 1.38
CA LYS A 49 13.92 -10.45 2.04
C LYS A 49 12.81 -11.49 1.93
N TYR A 50 11.57 -11.06 2.12
CA TYR A 50 10.39 -11.89 1.94
C TYR A 50 9.58 -11.31 0.80
N ASN A 51 8.77 -12.14 0.16
CA ASN A 51 8.20 -11.76 -1.11
C ASN A 51 7.18 -10.62 -0.95
N PRO A 52 7.03 -9.78 -1.98
CA PRO A 52 5.97 -8.77 -1.96
C PRO A 52 4.60 -9.42 -1.85
N THR A 53 3.60 -8.65 -1.39
CA THR A 53 3.71 -7.23 -1.09
C THR A 53 3.35 -6.96 0.37
N TRP A 54 4.15 -6.12 1.03
CA TRP A 54 3.97 -5.83 2.45
C TRP A 54 3.44 -4.41 2.63
N HIS A 55 2.86 -4.17 3.80
CA HIS A 55 2.31 -2.87 4.16
C HIS A 55 2.63 -2.59 5.62
N CYS A 56 2.95 -1.34 5.94
CA CYS A 56 3.40 -0.99 7.28
C CYS A 56 2.75 0.29 7.75
N ILE A 57 2.22 0.27 8.97
CA ILE A 57 1.69 1.46 9.64
C ILE A 57 2.41 1.65 10.97
N VAL A 58 2.93 2.86 11.18
CA VAL A 58 3.65 3.22 12.39
C VAL A 58 3.01 4.50 12.95
N GLY A 59 2.64 4.46 14.22
CA GLY A 59 2.02 5.64 14.83
C GLY A 59 1.72 5.40 16.29
N ARG A 60 1.14 6.43 16.91
CA ARG A 60 0.73 6.36 18.31
C ARG A 60 -0.77 6.35 18.49
N ASN A 61 -1.54 6.83 17.50
CA ASN A 61 -3.00 6.84 17.59
C ASN A 61 -3.58 6.52 16.21
N PHE A 62 -4.02 5.28 16.04
CA PHE A 62 -4.67 4.85 14.82
C PHE A 62 -5.40 3.53 15.08
N GLY A 63 -6.45 3.30 14.31
CA GLY A 63 -7.13 2.02 14.30
C GLY A 63 -7.11 1.45 12.90
N SER A 64 -7.00 0.13 12.81
CA SER A 64 -6.81 -0.53 11.53
C SER A 64 -7.70 -1.76 11.45
N TYR A 65 -8.18 -2.04 10.23
CA TYR A 65 -8.83 -3.30 9.91
C TYR A 65 -8.31 -3.77 8.56
N VAL A 66 -7.50 -4.83 8.56
CA VAL A 66 -6.82 -5.29 7.35
C VAL A 66 -7.11 -6.77 7.14
N THR A 67 -6.78 -7.24 5.95
CA THR A 67 -6.79 -8.66 5.61
C THR A 67 -5.38 -9.05 5.19
N HIS A 68 -4.85 -10.10 5.80
CA HIS A 68 -3.46 -10.49 5.61
C HIS A 68 -3.38 -11.97 5.27
N GLU A 69 -2.36 -12.32 4.50
CA GLU A 69 -2.04 -13.72 4.24
C GLU A 69 -1.67 -14.41 5.54
N THR A 70 -2.07 -15.67 5.66
CA THR A 70 -1.77 -16.44 6.87
C THR A 70 -0.27 -16.54 7.05
N ARG A 71 0.16 -16.56 8.31
CA ARG A 71 1.56 -16.61 8.70
C ARG A 71 2.34 -15.35 8.32
N HIS A 72 1.65 -14.23 8.09
CA HIS A 72 2.30 -12.98 7.66
C HIS A 72 1.62 -11.76 8.29
N PHE A 73 1.55 -11.73 9.63
CA PHE A 73 0.98 -10.61 10.34
C PHE A 73 1.70 -10.43 11.67
N ILE A 74 1.97 -9.16 12.01
CA ILE A 74 2.56 -8.83 13.31
C ILE A 74 2.14 -7.42 13.71
N TYR A 75 1.81 -7.26 14.99
CA TYR A 75 1.46 -5.97 15.57
C TYR A 75 2.15 -5.88 16.91
N PHE A 76 3.06 -4.92 17.07
CA PHE A 76 3.92 -4.87 18.24
C PHE A 76 4.24 -3.43 18.58
N TYR A 77 4.64 -3.21 19.83
CA TYR A 77 5.03 -1.89 20.30
C TYR A 77 6.55 -1.83 20.32
N LEU A 78 7.12 -0.82 19.67
CA LEU A 78 8.55 -0.55 19.70
C LEU A 78 8.80 0.91 20.04
N GLY A 79 9.53 1.15 21.13
CA GLY A 79 9.65 2.50 21.64
C GLY A 79 8.30 3.00 22.08
N GLN A 80 7.94 4.22 21.67
CA GLN A 80 6.63 4.77 21.99
C GLN A 80 5.60 4.57 20.89
N VAL A 81 5.95 3.86 19.82
CA VAL A 81 5.13 3.78 18.61
C VAL A 81 4.68 2.35 18.38
N ALA A 82 3.44 2.20 17.92
CA ALA A 82 2.89 0.91 17.54
C ALA A 82 3.21 0.67 16.06
N ILE A 83 3.60 -0.56 15.73
CA ILE A 83 4.00 -0.93 14.38
C ILE A 83 3.12 -2.08 13.91
N LEU A 84 2.43 -1.89 12.79
CA LEU A 84 1.62 -2.91 12.14
C LEU A 84 2.26 -3.27 10.80
N LEU A 85 2.61 -4.55 10.63
CA LEU A 85 3.26 -5.03 9.41
C LEU A 85 2.60 -6.32 8.96
N PHE A 86 2.20 -6.38 7.69
CA PHE A 86 1.52 -7.56 7.16
C PHE A 86 1.67 -7.60 5.65
N LYS A 87 1.36 -8.76 5.07
CA LYS A 87 1.46 -8.99 3.64
C LYS A 87 0.08 -9.29 3.07
N SER A 88 -0.32 -8.52 2.06
CA SER A 88 -1.56 -8.77 1.32
C SER A 88 -1.29 -8.46 -0.14
N GLY A 89 -1.35 -9.49 -0.98
CA GLY A 89 -1.06 -9.34 -2.40
C GLY A 89 0.31 -9.87 -2.77
N SER B 1 -17.35 -50.01 -16.84
CA SER B 1 -15.98 -50.29 -16.43
C SER B 1 -15.41 -49.16 -15.58
N THR B 2 -15.11 -48.04 -16.23
CA THR B 2 -14.48 -46.89 -15.59
C THR B 2 -15.51 -45.79 -15.36
N LEU B 3 -15.49 -45.23 -14.16
CA LEU B 3 -16.52 -44.31 -13.67
C LEU B 3 -15.95 -42.89 -13.64
N TYR B 4 -16.64 -41.96 -14.29
CA TYR B 4 -16.19 -40.59 -14.38
C TYR B 4 -17.24 -39.64 -13.80
N LYS B 5 -16.79 -38.65 -13.05
CA LYS B 5 -17.64 -37.64 -12.45
C LYS B 5 -17.29 -36.26 -12.97
N ASN B 6 -18.27 -35.36 -12.91
CA ASN B 6 -18.00 -33.95 -13.17
C ASN B 6 -17.63 -33.29 -11.84
N ALA B 7 -16.85 -32.22 -11.93
CA ALA B 7 -16.38 -31.54 -10.73
C ALA B 7 -16.13 -30.08 -11.07
N ALA B 8 -16.35 -29.22 -10.07
CA ALA B 8 -16.18 -27.79 -10.24
C ALA B 8 -15.36 -27.21 -9.09
N THR B 9 -14.49 -26.27 -9.40
CA THR B 9 -13.69 -25.58 -8.40
C THR B 9 -13.76 -24.08 -8.63
N GLN B 10 -13.66 -23.32 -7.54
CA GLN B 10 -13.56 -21.88 -7.59
C GLN B 10 -12.56 -21.46 -6.52
N THR B 11 -11.78 -20.42 -6.82
CA THR B 11 -10.81 -19.90 -5.87
C THR B 11 -11.46 -18.88 -4.97
N GLU B 12 -11.26 -19.04 -3.66
CA GLU B 12 -11.71 -18.08 -2.66
C GLU B 12 -10.46 -17.49 -2.03
N ARG B 13 -10.33 -16.16 -2.10
CA ARG B 13 -9.16 -15.50 -1.54
C ARG B 13 -9.07 -15.69 -0.02
N ARG B 14 -10.19 -16.03 0.62
CA ARG B 14 -10.23 -16.07 2.08
C ARG B 14 -9.37 -17.21 2.65
N THR B 15 -9.59 -18.43 2.16
CA THR B 15 -8.97 -19.65 2.68
C THR B 15 -7.53 -19.45 3.19
N ALA B 16 -6.71 -18.72 2.46
CA ALA B 16 -5.34 -18.42 2.88
C ALA B 16 -5.18 -17.08 3.59
N THR B 17 -6.27 -16.33 3.80
CA THR B 17 -6.18 -14.98 4.37
C THR B 17 -7.07 -14.85 5.60
N ARG B 18 -6.64 -13.99 6.52
CA ARG B 18 -7.36 -13.74 7.76
C ARG B 18 -7.51 -12.24 7.98
N ASP B 19 -8.66 -11.83 8.53
CA ASP B 19 -8.92 -10.44 8.85
C ASP B 19 -8.42 -10.12 10.25
N ALA B 20 -7.82 -8.93 10.39
CA ALA B 20 -7.23 -8.51 11.64
C ALA B 20 -7.52 -7.03 11.88
N GLY B 21 -7.97 -6.72 13.08
CA GLY B 21 -8.18 -5.34 13.49
C GLY B 21 -7.30 -5.01 14.69
N THR B 22 -6.82 -3.77 14.74
CA THR B 22 -5.95 -3.32 15.80
C THR B 22 -6.36 -1.93 16.25
N GLN B 23 -6.26 -1.68 17.56
CA GLN B 23 -6.59 -0.39 18.15
C GLN B 23 -5.51 -0.02 19.15
N VAL B 24 -4.98 1.20 19.01
CA VAL B 24 -4.00 1.72 19.96
C VAL B 24 -4.74 2.12 21.22
N ARG B 25 -4.19 1.74 22.37
CA ARG B 25 -4.90 1.93 23.62
C ARG B 25 -4.09 2.76 24.60
N LYS C 5 0.34 22.17 24.38
CA LYS C 5 -0.30 20.99 23.80
C LYS C 5 -1.34 21.40 22.75
N ALA C 6 -1.08 21.07 21.49
CA ALA C 6 -1.92 21.49 20.38
C ALA C 6 -2.61 20.30 19.74
N VAL C 7 -3.93 20.38 19.62
CA VAL C 7 -4.75 19.37 18.96
C VAL C 7 -5.48 20.05 17.79
N ILE C 8 -5.25 19.54 16.59
CA ILE C 8 -5.89 20.08 15.38
C ILE C 8 -7.27 19.45 15.22
N LYS C 9 -8.31 20.27 15.27
CA LYS C 9 -9.68 19.79 15.09
C LYS C 9 -10.03 19.66 13.61
N ASN C 10 -9.67 20.67 12.83
CA ASN C 10 -9.91 20.66 11.39
C ASN C 10 -8.78 21.43 10.73
N ALA C 11 -8.37 20.97 9.54
CA ALA C 11 -7.30 21.62 8.81
C ALA C 11 -7.46 21.33 7.33
N ASP C 12 -7.21 22.36 6.51
CA ASP C 12 -7.07 22.20 5.06
C ASP C 12 -5.90 23.09 4.65
N MET C 13 -4.69 22.60 4.85
CA MET C 13 -3.47 23.31 4.48
C MET C 13 -2.31 22.33 4.52
N SER C 14 -1.21 22.71 3.86
CA SER C 14 -0.06 21.83 3.76
C SER C 14 0.51 21.55 5.15
N GLU C 15 1.17 20.40 5.27
CA GLU C 15 1.75 19.99 6.54
C GLU C 15 2.78 21.01 7.03
N GLU C 16 3.50 21.64 6.10
CA GLU C 16 4.45 22.68 6.47
C GLU C 16 3.73 23.93 6.96
N MET C 17 2.66 24.34 6.27
CA MET C 17 1.87 25.48 6.73
C MET C 17 1.15 25.17 8.03
N GLN C 18 0.70 23.92 8.21
CA GLN C 18 0.15 23.48 9.49
C GLN C 18 1.15 23.69 10.63
N GLN C 19 2.40 23.30 10.40
CA GLN C 19 3.41 23.42 11.45
C GLN C 19 3.67 24.86 11.84
N ASP C 20 3.73 25.77 10.85
CA ASP C 20 3.94 27.18 11.16
C ASP C 20 2.79 27.77 11.96
N ALA C 21 1.55 27.43 11.57
CA ALA C 21 0.38 27.92 12.29
C ALA C 21 0.48 27.58 13.78
N VAL C 22 0.87 26.34 14.10
CA VAL C 22 1.03 25.96 15.49
C VAL C 22 2.22 26.67 16.10
N ASP C 23 3.35 26.72 15.38
CA ASP C 23 4.54 27.42 15.87
C ASP C 23 4.25 28.91 16.05
N CYS C 24 3.63 29.53 15.06
CA CYS C 24 3.31 30.95 15.16
C CYS C 24 2.35 31.22 16.31
N ALA C 25 1.37 30.34 16.52
CA ALA C 25 0.42 30.52 17.61
C ALA C 25 1.09 30.38 18.97
N THR C 26 1.98 29.39 19.11
CA THR C 26 2.69 29.18 20.37
C THR C 26 3.40 30.45 20.83
N GLN C 27 4.12 31.11 19.92
CA GLN C 27 4.80 32.35 20.29
C GLN C 27 3.81 33.43 20.70
N ALA C 28 2.71 33.55 19.96
CA ALA C 28 1.70 34.56 20.26
C ALA C 28 1.19 34.45 21.68
N LEU C 29 0.98 33.22 22.18
CA LEU C 29 0.48 33.09 23.55
C LEU C 29 1.53 33.51 24.56
N GLU C 30 2.80 33.23 24.28
CA GLU C 30 3.87 33.63 25.17
C GLU C 30 4.03 35.14 25.24
N LYS C 31 3.82 35.84 24.12
CA LYS C 31 4.08 37.27 24.07
C LYS C 31 2.89 38.10 24.51
N TYR C 32 1.67 37.61 24.30
CA TYR C 32 0.44 38.35 24.57
C TYR C 32 -0.47 37.55 25.49
N ASN C 33 -1.40 38.26 26.12
CA ASN C 33 -2.41 37.69 27.01
C ASN C 33 -3.83 37.90 26.52
N ILE C 34 -4.07 38.92 25.71
CA ILE C 34 -5.41 39.28 25.23
C ILE C 34 -5.66 38.57 23.90
N GLU C 35 -6.84 37.94 23.77
CA GLU C 35 -7.14 37.19 22.57
C GLU C 35 -7.02 38.08 21.33
N LYS C 36 -7.43 39.34 21.44
CA LYS C 36 -7.31 40.28 20.34
C LYS C 36 -5.87 40.41 19.86
N ASP C 37 -4.91 40.48 20.80
CA ASP C 37 -3.52 40.62 20.41
C ASP C 37 -2.94 39.31 19.87
N ILE C 38 -3.32 38.19 20.47
CA ILE C 38 -2.94 36.89 19.95
C ILE C 38 -3.38 36.73 18.50
N ALA C 39 -4.65 37.07 18.23
CA ALA C 39 -5.14 37.02 16.85
C ALA C 39 -4.33 37.94 15.95
N ALA C 40 -3.99 39.13 16.45
CA ALA C 40 -3.19 40.07 15.66
C ALA C 40 -1.81 39.49 15.34
N TYR C 41 -1.16 38.89 16.35
CA TYR C 41 0.16 38.29 16.14
C TYR C 41 0.13 37.25 15.03
N ILE C 42 -0.85 36.34 15.07
CA ILE C 42 -0.90 35.27 14.08
C ILE C 42 -1.25 35.82 12.70
N LYS C 43 -2.29 36.65 12.62
CA LYS C 43 -2.71 37.18 11.33
C LYS C 43 -1.60 37.99 10.68
N LYS C 44 -0.91 38.83 11.45
CA LYS C 44 0.17 39.63 10.88
C LYS C 44 1.34 38.75 10.42
N GLU C 45 1.78 37.81 11.26
CA GLU C 45 2.88 36.93 10.88
C GLU C 45 2.54 36.12 9.63
N PHE C 46 1.30 35.64 9.53
CA PHE C 46 0.89 34.88 8.35
C PHE C 46 0.69 35.77 7.14
N ASP C 47 0.46 37.08 7.32
CA ASP C 47 0.40 37.98 6.18
C ASP C 47 1.77 38.22 5.57
N LYS C 48 2.83 38.22 6.37
CA LYS C 48 4.17 38.38 5.83
C LYS C 48 4.67 37.08 5.22
N LYS C 49 4.68 36.00 6.02
CA LYS C 49 5.25 34.74 5.58
C LYS C 49 4.45 34.12 4.43
N TYR C 50 3.13 34.18 4.51
CA TYR C 50 2.23 33.74 3.45
C TYR C 50 1.45 34.94 2.93
N ASN C 51 1.04 34.88 1.67
CA ASN C 51 0.54 36.10 1.05
C ASN C 51 -0.81 36.50 1.64
N PRO C 52 -1.08 37.81 1.72
CA PRO C 52 -2.38 38.28 2.20
C PRO C 52 -3.54 37.76 1.36
N THR C 53 -4.73 37.73 1.95
CA THR C 53 -5.01 38.26 3.29
C THR C 53 -5.55 37.18 4.22
N TRP C 54 -5.04 37.16 5.45
CA TRP C 54 -5.41 36.17 6.44
C TRP C 54 -6.31 36.79 7.50
N HIS C 55 -7.02 35.91 8.21
CA HIS C 55 -7.92 36.32 9.29
C HIS C 55 -7.78 35.33 10.42
N CYS C 56 -7.80 35.83 11.65
CA CYS C 56 -7.56 34.99 12.82
C CYS C 56 -8.55 35.31 13.92
N ILE C 57 -9.15 34.27 14.48
CA ILE C 57 -10.02 34.37 15.65
C ILE C 57 -9.46 33.48 16.75
N VAL C 58 -9.31 34.06 17.94
CA VAL C 58 -8.78 33.36 19.10
C VAL C 58 -9.79 33.49 20.22
N GLY C 59 -10.19 32.36 20.81
CA GLY C 59 -11.15 32.42 21.89
C GLY C 59 -11.44 31.06 22.48
N ARG C 60 -12.30 31.09 23.49
CA ARG C 60 -12.77 29.90 24.20
C ARG C 60 -14.23 29.59 23.97
N ASN C 61 -15.02 30.57 23.57
CA ASN C 61 -16.46 30.39 23.37
C ASN C 61 -16.87 31.17 22.13
N PHE C 62 -16.96 30.48 21.00
CA PHE C 62 -17.44 31.12 19.77
C PHE C 62 -17.73 30.04 18.73
N GLY C 63 -18.65 30.39 17.82
CA GLY C 63 -18.90 29.59 16.64
C GLY C 63 -18.70 30.46 15.41
N SER C 64 -18.21 29.84 14.34
CA SER C 64 -17.82 30.60 13.16
C SER C 64 -18.34 29.91 11.90
N TYR C 65 -18.65 30.72 10.91
CA TYR C 65 -18.93 30.23 9.56
C TYR C 65 -18.20 31.15 8.59
N VAL C 66 -17.16 30.64 7.94
CA VAL C 66 -16.28 31.44 7.10
C VAL C 66 -16.17 30.78 5.73
N THR C 67 -15.64 31.54 4.78
CA THR C 67 -15.27 31.04 3.45
C THR C 67 -13.79 31.29 3.25
N HIS C 68 -13.06 30.23 2.90
CA HIS C 68 -11.61 30.28 2.79
C HIS C 68 -11.15 29.72 1.46
N GLU C 69 -10.02 30.23 0.98
CA GLU C 69 -9.34 29.61 -0.14
C GLU C 69 -8.88 28.20 0.25
N THR C 70 -8.95 27.28 -0.70
CA THR C 70 -8.52 25.90 -0.43
C THR C 70 -7.04 25.88 -0.07
N ARG C 71 -6.67 24.94 0.80
CA ARG C 71 -5.32 24.77 1.31
C ARG C 71 -4.88 25.94 2.21
N HIS C 72 -5.84 26.70 2.74
CA HIS C 72 -5.52 27.86 3.58
C HIS C 72 -6.57 27.99 4.69
N PHE C 73 -6.77 26.91 5.44
CA PHE C 73 -7.69 26.90 6.57
C PHE C 73 -7.16 25.96 7.63
N ILE C 74 -7.23 26.38 8.89
CA ILE C 74 -6.87 25.54 10.01
C ILE C 74 -7.66 26.00 11.23
N TYR C 75 -8.13 25.03 12.01
CA TYR C 75 -8.85 25.29 13.25
C TYR C 75 -8.32 24.32 14.30
N PHE C 76 -7.70 24.86 15.35
CA PHE C 76 -6.99 24.02 16.29
C PHE C 76 -7.02 24.65 17.68
N TYR C 77 -6.79 23.80 18.67
CA TYR C 77 -6.69 24.21 20.07
C TYR C 77 -5.23 24.27 20.50
N LEU C 78 -4.90 25.31 21.24
CA LEU C 78 -3.62 25.39 21.93
C LEU C 78 -3.98 25.56 23.39
N GLY C 79 -3.70 24.54 24.19
CA GLY C 79 -4.27 24.50 25.53
C GLY C 79 -5.77 24.43 25.45
N GLN C 80 -6.44 25.29 26.21
CA GLN C 80 -7.90 25.35 26.24
C GLN C 80 -8.48 26.39 25.29
N VAL C 81 -7.66 27.03 24.46
CA VAL C 81 -8.11 28.18 23.67
C VAL C 81 -8.13 27.73 22.22
N ALA C 82 -9.19 28.09 21.51
CA ALA C 82 -9.34 27.76 20.10
C ALA C 82 -8.81 28.87 19.22
N ILE C 83 -8.10 28.47 18.16
CA ILE C 83 -7.55 29.40 17.18
C ILE C 83 -8.10 29.03 15.81
N LEU C 84 -8.74 29.99 15.16
CA LEU C 84 -9.23 29.83 13.80
C LEU C 84 -8.39 30.73 12.90
N LEU C 85 -7.73 30.14 11.91
CA LEU C 85 -6.87 30.87 11.00
C LEU C 85 -7.20 30.43 9.58
N PHE C 86 -7.50 31.38 8.71
CA PHE C 86 -7.88 31.05 7.36
C PHE C 86 -7.62 32.26 6.48
N LYS C 87 -7.59 32.03 5.18
CA LYS C 87 -7.32 33.07 4.20
C LYS C 87 -8.50 33.23 3.26
N SER C 88 -8.96 34.47 3.09
CA SER C 88 -10.03 34.80 2.16
C SER C 88 -9.63 36.08 1.44
N GLY C 89 -9.34 35.95 0.14
CA GLY C 89 -8.77 37.03 -0.61
C GLY C 89 -7.30 37.21 -0.27
N THR D 15 -9.60 30.65 -7.78
CA THR D 15 -9.24 29.94 -6.56
C THR D 15 -10.46 29.31 -5.92
N ALA D 16 -10.43 27.98 -5.79
CA ALA D 16 -11.55 27.26 -5.19
C ALA D 16 -11.69 27.60 -3.71
N THR D 17 -12.93 27.72 -3.27
CA THR D 17 -13.24 28.10 -1.90
C THR D 17 -14.29 27.16 -1.34
N ARG D 18 -14.12 26.80 -0.07
CA ARG D 18 -15.08 25.95 0.63
C ARG D 18 -15.54 26.66 1.88
N ASP D 19 -16.79 26.42 2.27
CA ASP D 19 -17.27 26.97 3.52
C ASP D 19 -16.76 26.10 4.66
N ALA D 20 -16.69 26.71 5.83
CA ALA D 20 -16.28 25.96 7.02
C ALA D 20 -17.04 26.51 8.21
N GLY D 21 -17.55 25.61 9.03
CA GLY D 21 -18.14 25.96 10.30
C GLY D 21 -17.28 25.37 11.41
N THR D 22 -17.01 26.19 12.42
CA THR D 22 -16.30 25.73 13.60
C THR D 22 -17.17 25.99 14.81
N GLN D 23 -16.95 25.19 15.84
CA GLN D 23 -17.73 25.34 17.07
C GLN D 23 -16.88 24.80 18.21
N VAL D 24 -16.72 25.60 19.25
CA VAL D 24 -15.96 25.19 20.41
C VAL D 24 -16.78 24.20 21.22
N ARG D 25 -16.11 23.24 21.83
CA ARG D 25 -16.79 22.23 22.63
C ARG D 25 -17.25 22.80 23.95
N LYS E 5 15.28 28.11 14.93
CA LYS E 5 16.42 28.33 15.83
C LYS E 5 17.74 28.18 15.10
N ALA E 6 17.95 28.99 14.07
CA ALA E 6 19.16 28.91 13.25
C ALA E 6 19.92 30.22 13.44
N VAL E 7 21.17 30.10 13.87
CA VAL E 7 22.04 31.24 14.11
C VAL E 7 23.27 31.13 13.21
N ILE E 8 23.50 32.16 12.40
CA ILE E 8 24.67 32.18 11.53
C ILE E 8 25.88 32.62 12.34
N LYS E 9 26.84 31.72 12.48
CA LYS E 9 28.09 31.98 13.17
C LYS E 9 29.09 32.66 12.25
N ASN E 10 29.20 32.18 11.01
CA ASN E 10 30.05 32.77 9.99
C ASN E 10 29.40 32.50 8.64
N ALA E 11 29.50 33.46 7.73
CA ALA E 11 28.90 33.28 6.41
C ALA E 11 29.61 34.13 5.37
N ASP E 12 29.80 33.56 4.18
CA ASP E 12 30.21 34.25 2.96
C ASP E 12 29.30 33.64 1.88
N MET E 13 28.07 34.12 1.83
CA MET E 13 27.06 33.55 0.94
C MET E 13 25.92 34.55 0.78
N SER E 14 25.24 34.48 -0.36
CA SER E 14 24.09 35.35 -0.61
C SER E 14 23.04 35.19 0.47
N GLU E 15 22.15 36.19 0.57
CA GLU E 15 21.17 36.20 1.65
C GLU E 15 20.07 35.16 1.42
N GLU E 16 19.67 34.94 0.17
CA GLU E 16 18.67 33.93 -0.13
C GLU E 16 19.23 32.52 0.05
N MET E 17 20.46 32.29 -0.41
CA MET E 17 21.06 30.97 -0.26
C MET E 17 21.33 30.61 1.19
N GLN E 18 21.65 31.61 2.03
CA GLN E 18 21.72 31.36 3.46
C GLN E 18 20.39 30.83 3.98
N GLN E 19 19.29 31.47 3.59
CA GLN E 19 17.97 31.03 4.04
C GLN E 19 17.65 29.64 3.50
N ASP E 20 18.02 29.38 2.24
CA ASP E 20 17.78 28.05 1.68
C ASP E 20 18.56 26.98 2.44
N ALA E 21 19.83 27.26 2.75
CA ALA E 21 20.62 26.34 3.56
C ALA E 21 19.94 26.06 4.90
N VAL E 22 19.45 27.12 5.54
CA VAL E 22 18.79 26.95 6.83
C VAL E 22 17.46 26.22 6.65
N ASP E 23 16.69 26.61 5.63
CA ASP E 23 15.42 25.93 5.35
C ASP E 23 15.64 24.46 5.00
N CYS E 24 16.59 24.18 4.11
CA CYS E 24 16.89 22.80 3.73
C CYS E 24 17.39 21.99 4.92
N ALA E 25 18.21 22.61 5.78
CA ALA E 25 18.73 21.89 6.95
C ALA E 25 17.62 21.52 7.91
N THR E 26 16.68 22.44 8.12
CA THR E 26 15.53 22.15 8.99
C THR E 26 14.83 20.87 8.56
N GLN E 27 14.63 20.69 7.25
CA GLN E 27 14.02 19.46 6.76
C GLN E 27 14.87 18.24 7.11
N ALA E 28 16.18 18.34 6.92
CA ALA E 28 17.07 17.22 7.22
C ALA E 28 16.98 16.81 8.68
N LEU E 29 16.93 17.77 9.61
CA LEU E 29 16.80 17.41 11.02
C LEU E 29 15.42 16.83 11.32
N GLU E 30 14.39 17.32 10.63
CA GLU E 30 13.05 16.76 10.80
C GLU E 30 12.99 15.32 10.33
N LYS E 31 13.69 15.01 9.23
CA LYS E 31 13.57 13.73 8.55
C LYS E 31 14.56 12.68 9.03
N TYR E 32 15.75 13.08 9.48
CA TYR E 32 16.83 12.14 9.78
C TYR E 32 17.33 12.32 11.21
N ASN E 33 18.02 11.28 11.69
CA ASN E 33 18.59 11.23 13.04
C ASN E 33 20.09 11.15 13.03
N ILE E 34 20.70 10.61 11.99
CA ILE E 34 22.14 10.44 11.89
C ILE E 34 22.71 11.63 11.12
N GLU E 35 23.79 12.21 11.67
CA GLU E 35 24.36 13.41 11.08
C GLU E 35 24.74 13.20 9.62
N LYS E 36 25.30 12.02 9.31
CA LYS E 36 25.68 11.70 7.94
C LYS E 36 24.49 11.79 7.00
N ASP E 37 23.30 11.36 7.45
CA ASP E 37 22.13 11.44 6.59
C ASP E 37 21.66 12.89 6.47
N ILE E 38 21.73 13.64 7.56
CA ILE E 38 21.48 15.08 7.50
C ILE E 38 22.40 15.75 6.49
N ALA E 39 23.70 15.47 6.59
CA ALA E 39 24.66 16.06 5.66
C ALA E 39 24.38 15.66 4.22
N ALA E 40 24.03 14.39 4.00
CA ALA E 40 23.74 13.92 2.64
C ALA E 40 22.53 14.64 2.05
N TYR E 41 21.45 14.76 2.83
CA TYR E 41 20.26 15.45 2.34
C TYR E 41 20.60 16.88 1.92
N ILE E 42 21.34 17.60 2.76
CA ILE E 42 21.65 19.00 2.48
C ILE E 42 22.54 19.10 1.24
N LYS E 43 23.62 18.30 1.21
CA LYS E 43 24.55 18.35 0.09
C LYS E 43 23.83 18.03 -1.23
N LYS E 44 22.96 17.01 -1.22
CA LYS E 44 22.23 16.64 -2.42
C LYS E 44 21.29 17.74 -2.87
N GLU E 45 20.47 18.26 -1.95
CA GLU E 45 19.53 19.31 -2.31
C GLU E 45 20.26 20.53 -2.85
N PHE E 46 21.42 20.87 -2.26
CA PHE E 46 22.21 21.99 -2.76
C PHE E 46 22.95 21.66 -4.05
N ASP E 47 23.19 20.37 -4.34
CA ASP E 47 23.76 20.01 -5.64
C ASP E 47 22.74 20.14 -6.77
N LYS E 48 21.45 19.93 -6.47
CA LYS E 48 20.44 20.09 -7.51
C LYS E 48 20.16 21.57 -7.76
N LYS E 49 19.78 22.30 -6.72
CA LYS E 49 19.37 23.69 -6.90
C LYS E 49 20.53 24.56 -7.37
N TYR E 50 21.70 24.39 -6.79
CA TYR E 50 22.90 25.07 -7.24
C TYR E 50 23.92 24.05 -7.73
N ASN E 51 24.74 24.45 -8.69
CA ASN E 51 25.56 23.49 -9.40
C ASN E 51 26.65 22.91 -8.50
N PRO E 52 27.11 21.69 -8.78
CA PRO E 52 28.21 21.11 -8.02
C PRO E 52 29.44 22.01 -8.04
N THR E 53 30.30 21.84 -7.03
CA THR E 53 30.19 20.76 -6.05
C THR E 53 30.11 21.25 -4.62
N TRP E 54 29.17 20.70 -3.84
CA TRP E 54 28.99 21.09 -2.46
C TRP E 54 29.46 19.99 -1.53
N HIS E 55 29.77 20.39 -0.29
CA HIS E 55 30.20 19.47 0.76
C HIS E 55 29.59 19.93 2.07
N CYS E 56 29.18 18.96 2.90
CA CYS E 56 28.46 19.28 4.13
C CYS E 56 28.99 18.45 5.29
N ILE E 57 29.25 19.11 6.41
CA ILE E 57 29.65 18.44 7.65
C ILE E 57 28.66 18.83 8.74
N VAL E 58 28.13 17.82 9.43
CA VAL E 58 27.14 17.97 10.49
C VAL E 58 27.66 17.25 11.74
N GLY E 59 27.72 17.96 12.86
CA GLY E 59 28.20 17.34 14.09
C GLY E 59 28.16 18.30 15.25
N ARG E 60 28.59 17.81 16.41
CA ARG E 60 28.66 18.60 17.62
C ARG E 60 30.09 18.87 18.10
N ASN E 61 31.08 18.08 17.65
CA ASN E 61 32.47 18.27 18.06
C ASN E 61 33.35 18.02 16.85
N PHE E 62 33.80 19.10 16.20
CA PHE E 62 34.71 18.99 15.08
C PHE E 62 35.29 20.36 14.75
N GLY E 63 36.49 20.34 14.17
CA GLY E 63 37.10 21.53 13.61
C GLY E 63 37.44 21.30 12.15
N SER E 64 37.34 22.38 11.37
CA SER E 64 37.50 22.25 9.92
C SER E 64 38.37 23.39 9.39
N TYR E 65 39.14 23.07 8.35
CA TYR E 65 39.84 24.08 7.55
C TYR E 65 39.65 23.69 6.09
N VAL E 66 38.85 24.45 5.37
CA VAL E 66 38.45 24.13 4.00
C VAL E 66 38.75 25.32 3.10
N THR E 67 38.65 25.08 1.80
CA THR E 67 38.74 26.11 0.78
C THR E 67 37.44 26.12 -0.01
N HIS E 68 36.82 27.29 -0.13
CA HIS E 68 35.50 27.41 -0.73
C HIS E 68 35.50 28.48 -1.82
N GLU E 69 34.63 28.30 -2.80
CA GLU E 69 34.35 29.36 -3.75
C GLU E 69 33.71 30.54 -3.03
N THR E 70 34.06 31.75 -3.47
CA THR E 70 33.52 32.94 -2.85
C THR E 70 32.01 32.98 -3.03
N ARG E 71 31.32 33.55 -2.03
CA ARG E 71 29.87 33.64 -1.97
C ARG E 71 29.20 32.28 -1.86
N HIS E 72 29.95 31.26 -1.41
CA HIS E 72 29.44 29.90 -1.31
C HIS E 72 30.01 29.23 -0.07
N PHE E 73 29.81 29.85 1.09
CA PHE E 73 30.25 29.31 2.36
C PHE E 73 29.24 29.72 3.43
N ILE E 74 28.90 28.77 4.30
CA ILE E 74 28.06 29.07 5.45
C ILE E 74 28.40 28.08 6.56
N TYR E 75 28.45 28.58 7.78
CA TYR E 75 28.66 27.76 8.97
C TYR E 75 27.68 28.26 10.00
N PHE E 76 26.74 27.40 10.39
CA PHE E 76 25.63 27.87 11.22
C PHE E 76 25.18 26.77 12.16
N TYR E 77 24.51 27.20 13.22
CA TYR E 77 23.97 26.32 14.24
C TYR E 77 22.47 26.17 14.06
N LEU E 78 22.00 24.93 14.20
CA LEU E 78 20.57 24.66 14.33
C LEU E 78 20.45 23.93 15.66
N GLY E 79 19.97 24.63 16.67
CA GLY E 79 20.01 24.06 18.01
C GLY E 79 21.44 23.80 18.43
N GLN E 80 21.68 22.57 18.85
CA GLN E 80 22.97 22.08 19.32
C GLN E 80 23.82 21.50 18.19
N VAL E 81 23.40 21.65 16.95
CA VAL E 81 24.05 21.00 15.82
C VAL E 81 24.70 22.07 14.96
N ALA E 82 25.98 21.88 14.64
CA ALA E 82 26.70 22.76 13.74
C ALA E 82 26.60 22.22 12.33
N ILE E 83 26.37 23.12 11.37
CA ILE E 83 26.25 22.73 9.97
C ILE E 83 27.31 23.50 9.21
N LEU E 84 28.20 22.78 8.54
CA LEU E 84 29.18 23.41 7.67
C LEU E 84 28.83 23.02 6.25
N LEU E 85 28.52 24.02 5.44
CA LEU E 85 28.12 23.81 4.05
C LEU E 85 28.88 24.80 3.19
N PHE E 86 29.55 24.29 2.16
CA PHE E 86 30.35 25.13 1.28
C PHE E 86 30.50 24.41 -0.05
N LYS E 87 30.91 25.18 -1.05
CA LYS E 87 31.08 24.68 -2.41
C LYS E 87 32.54 24.79 -2.79
N SER E 88 33.12 23.68 -3.21
CA SER E 88 34.50 23.65 -3.68
C SER E 88 34.60 22.75 -4.90
N GLY E 89 35.53 23.09 -5.78
CA GLY E 89 35.62 22.45 -7.08
C GLY E 89 34.98 23.33 -8.14
N THR F 15 35.82 30.68 -9.14
CA THR F 15 37.12 31.22 -9.53
C THR F 15 37.94 31.60 -8.31
N ALA F 16 37.68 32.79 -7.77
CA ALA F 16 38.39 33.22 -6.57
C ALA F 16 37.95 32.37 -5.38
N THR F 17 38.92 32.01 -4.54
CA THR F 17 38.66 31.12 -3.41
C THR F 17 39.31 31.67 -2.15
N ARG F 18 38.62 31.51 -1.03
CA ARG F 18 39.13 31.92 0.27
C ARG F 18 39.09 30.74 1.23
N ASP F 19 40.06 30.70 2.14
CA ASP F 19 40.09 29.67 3.17
C ASP F 19 39.16 30.06 4.32
N ALA F 20 38.72 29.05 5.07
CA ALA F 20 37.86 29.27 6.22
C ALA F 20 38.14 28.22 7.27
N GLY F 21 38.19 28.65 8.52
CA GLY F 21 38.28 27.75 9.67
C GLY F 21 37.03 27.85 10.54
N THR F 22 36.50 26.70 10.93
CA THR F 22 35.38 26.61 11.87
C THR F 22 35.78 25.75 13.06
N GLN F 23 35.10 25.98 14.18
CA GLN F 23 35.36 25.22 15.40
C GLN F 23 34.10 25.18 16.24
N VAL F 24 33.76 23.98 16.73
CA VAL F 24 32.56 23.82 17.54
C VAL F 24 32.78 24.44 18.92
N ARG F 25 31.70 24.93 19.51
CA ARG F 25 31.75 25.58 20.81
C ARG F 25 31.99 24.54 21.90
N LYS G 5 -18.19 16.76 5.31
CA LYS G 5 -17.14 17.66 5.76
C LYS G 5 -15.78 16.96 5.68
N ALA G 6 -15.40 16.62 4.45
CA ALA G 6 -14.20 15.84 4.14
C ALA G 6 -13.21 16.65 3.31
N VAL G 7 -11.94 16.54 3.65
CA VAL G 7 -10.85 17.14 2.88
C VAL G 7 -10.05 15.98 2.29
N ILE G 8 -9.99 15.92 0.97
CA ILE G 8 -9.29 14.83 0.29
C ILE G 8 -7.81 15.21 0.27
N LYS G 9 -6.97 14.45 0.98
CA LYS G 9 -5.55 14.77 1.02
C LYS G 9 -4.80 14.21 -0.18
N ASN G 10 -5.02 12.93 -0.48
CA ASN G 10 -4.43 12.31 -1.65
C ASN G 10 -5.37 11.21 -2.11
N ALA G 11 -5.48 11.03 -3.42
CA ALA G 11 -6.39 10.02 -3.94
C ALA G 11 -5.91 9.54 -5.30
N ASP G 12 -6.07 8.24 -5.52
CA ASP G 12 -5.93 7.61 -6.84
C ASP G 12 -7.09 6.63 -6.92
N MET G 13 -8.26 7.15 -7.25
CA MET G 13 -9.49 6.37 -7.35
C MET G 13 -10.53 7.27 -8.01
N SER G 14 -11.65 6.68 -8.44
CA SER G 14 -12.61 7.40 -9.26
C SER G 14 -13.31 8.46 -8.43
N GLU G 15 -13.49 9.64 -9.03
CA GLU G 15 -14.28 10.72 -8.43
C GLU G 15 -15.60 10.18 -7.91
N GLU G 16 -16.20 9.22 -8.61
CA GLU G 16 -17.39 8.56 -8.11
C GLU G 16 -17.06 7.64 -6.93
N MET G 17 -15.99 6.87 -7.03
CA MET G 17 -15.57 6.02 -5.90
C MET G 17 -15.07 6.85 -4.73
N GLN G 18 -14.43 7.99 -4.99
CA GLN G 18 -14.04 8.90 -3.93
C GLN G 18 -15.24 9.30 -3.07
N GLN G 19 -16.35 9.68 -3.70
CA GLN G 19 -17.53 10.07 -2.94
C GLN G 19 -18.06 8.91 -2.11
N ASP G 20 -18.03 7.70 -2.64
CA ASP G 20 -18.49 6.54 -1.87
C ASP G 20 -17.64 6.35 -0.62
N ALA G 21 -16.33 6.45 -0.74
CA ALA G 21 -15.46 6.36 0.43
C ALA G 21 -15.83 7.40 1.46
N VAL G 22 -16.07 8.65 1.02
CA VAL G 22 -16.44 9.72 1.94
C VAL G 22 -17.84 9.45 2.50
N ASP G 23 -18.78 9.06 1.64
CA ASP G 23 -20.13 8.75 2.09
C ASP G 23 -20.12 7.58 3.07
N CYS G 24 -19.40 6.50 2.72
CA CYS G 24 -19.29 5.36 3.62
C CYS G 24 -18.63 5.77 4.94
N ALA G 25 -17.64 6.68 4.85
CA ALA G 25 -16.96 7.14 6.06
C ALA G 25 -17.90 7.93 6.96
N THR G 26 -18.73 8.80 6.38
CA THR G 26 -19.71 9.53 7.17
C THR G 26 -20.59 8.56 7.97
N GLN G 27 -21.09 7.52 7.30
CA GLN G 27 -21.91 6.53 7.99
C GLN G 27 -21.11 5.78 9.05
N ALA G 28 -19.87 5.40 8.73
CA ALA G 28 -19.04 4.70 9.70
C ALA G 28 -18.82 5.54 10.95
N LEU G 29 -18.61 6.86 10.79
CA LEU G 29 -18.44 7.72 11.95
C LEU G 29 -19.74 7.87 12.73
N GLU G 30 -20.88 7.87 12.04
CA GLU G 30 -22.17 7.97 12.72
C GLU G 30 -22.44 6.74 13.57
N LYS G 31 -22.07 5.56 13.08
CA LYS G 31 -22.46 4.33 13.74
C LYS G 31 -21.46 3.88 14.80
N TYR G 32 -20.18 4.19 14.62
CA TYR G 32 -19.15 3.70 15.51
C TYR G 32 -18.35 4.88 16.04
N ASN G 33 -17.70 4.67 17.19
CA ASN G 33 -16.87 5.69 17.80
C ASN G 33 -15.42 5.25 17.94
N ILE G 34 -15.15 3.96 17.96
CA ILE G 34 -13.78 3.45 18.07
C ILE G 34 -13.21 3.27 16.68
N GLU G 35 -11.99 3.77 16.50
CA GLU G 35 -11.33 3.81 15.21
C GLU G 35 -11.23 2.44 14.57
N LYS G 36 -10.94 1.40 15.36
CA LYS G 36 -10.89 0.04 14.84
C LYS G 36 -12.22 -0.37 14.22
N ASP G 37 -13.33 -0.02 14.88
CA ASP G 37 -14.64 -0.40 14.38
C ASP G 37 -15.03 0.42 13.15
N ILE G 38 -14.68 1.71 13.14
CA ILE G 38 -14.88 2.53 11.94
C ILE G 38 -14.16 1.91 10.75
N ALA G 39 -12.90 1.54 10.94
CA ALA G 39 -12.13 0.91 9.87
C ALA G 39 -12.79 -0.39 9.40
N ALA G 40 -13.30 -1.19 10.34
CA ALA G 40 -13.94 -2.45 9.97
C ALA G 40 -15.17 -2.21 9.10
N TYR G 41 -15.99 -1.23 9.47
CA TYR G 41 -17.17 -0.89 8.66
C TYR G 41 -16.77 -0.53 7.24
N ILE G 42 -15.74 0.30 7.08
CA ILE G 42 -15.35 0.78 5.76
C ILE G 42 -14.83 -0.36 4.90
N LYS G 43 -13.89 -1.14 5.43
CA LYS G 43 -13.29 -2.21 4.66
C LYS G 43 -14.35 -3.22 4.19
N LYS G 44 -15.28 -3.56 5.08
CA LYS G 44 -16.32 -4.53 4.73
C LYS G 44 -17.24 -3.98 3.63
N GLU G 45 -17.74 -2.75 3.81
CA GLU G 45 -18.61 -2.16 2.80
C GLU G 45 -17.91 -2.05 1.46
N PHE G 46 -16.63 -1.69 1.47
CA PHE G 46 -15.89 -1.63 0.21
C PHE G 46 -15.52 -3.00 -0.30
N ASP G 47 -15.53 -4.03 0.55
CA ASP G 47 -15.37 -5.40 0.07
C ASP G 47 -16.63 -5.90 -0.65
N LYS G 48 -17.80 -5.41 -0.27
CA LYS G 48 -19.03 -5.83 -0.94
C LYS G 48 -19.21 -5.11 -2.28
N LYS G 49 -19.25 -3.78 -2.24
CA LYS G 49 -19.54 -3.00 -3.45
C LYS G 49 -18.45 -3.18 -4.50
N TYR G 50 -17.20 -3.14 -4.07
CA TYR G 50 -16.06 -3.41 -4.95
C TYR G 50 -15.35 -4.66 -4.42
N ASN G 51 -14.70 -5.39 -5.32
CA ASN G 51 -14.23 -6.71 -4.99
C ASN G 51 -13.06 -6.62 -4.00
N PRO G 52 -12.86 -7.65 -3.17
CA PRO G 52 -11.69 -7.67 -2.28
C PRO G 52 -10.39 -7.53 -3.06
N THR G 53 -9.32 -7.10 -2.37
CA THR G 53 -9.27 -6.91 -0.92
C THR G 53 -8.91 -5.49 -0.50
N TRP G 54 -9.65 -4.94 0.46
CA TRP G 54 -9.45 -3.57 0.92
C TRP G 54 -8.86 -3.55 2.32
N HIS G 55 -8.26 -2.41 2.65
CA HIS G 55 -7.67 -2.15 3.96
C HIS G 55 -7.91 -0.70 4.33
N CYS G 56 -8.19 -0.46 5.60
CA CYS G 56 -8.57 0.86 6.09
C CYS G 56 -7.82 1.14 7.39
N ILE G 57 -7.24 2.33 7.48
CA ILE G 57 -6.58 2.80 8.70
C ILE G 57 -7.29 4.08 9.13
N VAL G 58 -7.72 4.14 10.39
CA VAL G 58 -8.41 5.29 10.93
C VAL G 58 -7.69 5.74 12.19
N GLY G 59 -7.26 7.01 12.22
CA GLY G 59 -6.57 7.52 13.38
C GLY G 59 -6.19 8.98 13.18
N ARG G 60 -5.55 9.54 14.22
CA ARG G 60 -5.08 10.90 14.16
C ARG G 60 -3.56 11.04 14.20
N ASN G 61 -2.83 9.99 14.61
CA ASN G 61 -1.38 10.04 14.64
C ASN G 61 -0.84 8.70 14.15
N PHE G 62 -0.43 8.65 12.89
CA PHE G 62 0.17 7.45 12.32
C PHE G 62 0.84 7.80 11.01
N GLY G 63 1.83 7.00 10.65
CA GLY G 63 2.43 7.04 9.32
C GLY G 63 2.32 5.68 8.69
N SER G 64 2.12 5.66 7.36
CA SER G 64 1.87 4.42 6.65
C SER G 64 2.67 4.42 5.35
N TYR G 65 3.10 3.23 4.95
CA TYR G 65 3.66 3.01 3.61
C TYR G 65 3.06 1.73 3.08
N VAL G 66 2.19 1.85 2.07
CA VAL G 66 1.42 0.72 1.56
C VAL G 66 1.65 0.60 0.07
N THR G 67 1.22 -0.53 -0.47
CA THR G 67 1.20 -0.81 -1.89
C THR G 67 -0.23 -1.09 -2.31
N HIS G 68 -0.72 -0.37 -3.31
CA HIS G 68 -2.11 -0.47 -3.71
C HIS G 68 -2.21 -0.66 -5.23
N GLU G 69 -3.26 -1.34 -5.65
CA GLU G 69 -3.61 -1.37 -7.05
C GLU G 69 -3.99 0.03 -7.49
N THR G 70 -3.60 0.40 -8.72
CA THR G 70 -3.88 1.73 -9.21
C THR G 70 -5.38 1.96 -9.27
N ARG G 71 -5.78 3.22 -9.11
CA ARG G 71 -7.19 3.60 -9.10
C ARG G 71 -7.94 2.89 -7.96
N HIS G 72 -7.27 2.71 -6.83
CA HIS G 72 -7.88 2.13 -5.65
C HIS G 72 -7.15 2.59 -4.40
N PHE G 73 -7.01 3.89 -4.23
CA PHE G 73 -6.36 4.48 -3.07
C PHE G 73 -7.03 5.82 -2.76
N ILE G 74 -7.26 6.09 -1.47
CA ILE G 74 -7.78 7.37 -1.05
C ILE G 74 -7.32 7.66 0.38
N TYR G 75 -6.93 8.91 0.62
CA TYR G 75 -6.51 9.38 1.93
C TYR G 75 -7.11 10.75 2.19
N PHE G 76 -7.95 10.84 3.22
CA PHE G 76 -8.73 12.05 3.46
C PHE G 76 -9.01 12.23 4.95
N TYR G 77 -9.37 13.46 5.31
CA TYR G 77 -9.75 13.80 6.67
C TYR G 77 -11.27 13.82 6.73
N LEU G 78 -11.85 13.15 7.73
CA LEU G 78 -13.28 13.26 7.99
C LEU G 78 -13.51 13.54 9.47
N GLY G 79 -14.06 14.71 9.78
CA GLY G 79 -14.20 15.11 11.17
C GLY G 79 -12.84 15.26 11.84
N GLN G 80 -12.68 14.60 12.98
CA GLN G 80 -11.44 14.67 13.73
C GLN G 80 -10.45 13.59 13.34
N VAL G 81 -10.76 12.75 12.36
CA VAL G 81 -9.98 11.57 12.05
C VAL G 81 -9.53 11.57 10.59
N ALA G 82 -8.31 11.09 10.36
CA ALA G 82 -7.80 10.83 9.02
C ALA G 82 -8.12 9.38 8.65
N ILE G 83 -8.53 9.16 7.39
CA ILE G 83 -8.90 7.84 6.90
C ILE G 83 -8.05 7.48 5.70
N LEU G 84 -7.39 6.32 5.77
CA LEU G 84 -6.63 5.75 4.68
C LEU G 84 -7.34 4.50 4.18
N LEU G 85 -7.69 4.49 2.90
CA LEU G 85 -8.41 3.37 2.29
C LEU G 85 -7.74 3.01 0.97
N PHE G 86 -7.41 1.73 0.81
CA PHE G 86 -6.73 1.29 -0.40
C PHE G 86 -7.00 -0.20 -0.59
N LYS G 87 -6.75 -0.67 -1.82
CA LYS G 87 -7.01 -2.05 -2.20
C LYS G 87 -5.71 -2.71 -2.67
N SER G 88 -5.34 -3.80 -2.02
CA SER G 88 -4.23 -4.64 -2.47
C SER G 88 -4.55 -6.09 -2.12
N GLY G 89 -4.24 -7.00 -3.04
CA GLY G 89 -4.39 -8.42 -2.78
C GLY G 89 -5.76 -8.98 -3.08
N LEU H 3 -3.87 -39.89 -30.35
CA LEU H 3 -2.82 -38.90 -30.47
C LEU H 3 -3.04 -37.75 -29.47
N TYR H 4 -2.07 -37.53 -28.61
CA TYR H 4 -2.16 -36.50 -27.58
C TYR H 4 -0.99 -35.55 -27.66
N LYS H 5 -1.27 -34.26 -27.52
CA LYS H 5 -0.23 -33.24 -27.43
C LYS H 5 -0.33 -32.56 -26.07
N ASN H 6 0.80 -32.08 -25.59
CA ASN H 6 0.86 -31.32 -24.35
C ASN H 6 0.73 -29.83 -24.63
N ALA H 7 0.31 -29.09 -23.60
CA ALA H 7 0.08 -27.67 -23.72
C ALA H 7 0.38 -27.00 -22.39
N ALA H 8 0.84 -25.75 -22.48
CA ALA H 8 1.15 -24.94 -21.32
C ALA H 8 0.53 -23.58 -21.51
N THR H 9 -0.07 -23.05 -20.45
CA THR H 9 -0.66 -21.72 -20.49
C THR H 9 -0.26 -20.90 -19.27
N GLN H 10 -0.06 -19.61 -19.47
CA GLN H 10 0.24 -18.72 -18.36
C GLN H 10 -0.54 -17.43 -18.56
N THR H 11 -0.95 -16.82 -17.45
CA THR H 11 -1.68 -15.56 -17.51
C THR H 11 -0.69 -14.40 -17.62
N GLU H 12 -1.01 -13.46 -18.50
CA GLU H 12 -0.21 -12.26 -18.71
C GLU H 12 -0.93 -11.02 -18.19
N ARG H 13 -2.08 -11.20 -17.54
CA ARG H 13 -2.82 -10.07 -17.00
C ARG H 13 -1.98 -9.36 -15.95
N ARG H 14 -1.89 -8.04 -16.07
CA ARG H 14 -1.01 -7.24 -15.21
C ARG H 14 -1.81 -6.13 -14.56
N THR H 15 -1.85 -6.12 -13.24
CA THR H 15 -2.56 -5.09 -12.48
C THR H 15 -1.50 -4.06 -12.12
N ALA H 16 -1.80 -2.78 -12.35
CA ALA H 16 -0.79 -1.78 -12.07
C ALA H 16 -0.73 -1.50 -10.57
N THR H 17 0.49 -1.31 -10.08
CA THR H 17 0.76 -1.20 -8.66
C THR H 17 1.50 0.10 -8.36
N ARG H 18 1.13 0.74 -7.25
CA ARG H 18 1.78 1.96 -6.82
C ARG H 18 2.05 1.92 -5.32
N ASP H 19 3.20 2.43 -4.92
CA ASP H 19 3.56 2.58 -3.53
C ASP H 19 3.13 3.96 -3.04
N ALA H 20 2.57 4.01 -1.84
CA ALA H 20 2.05 5.27 -1.31
C ALA H 20 2.38 5.39 0.17
N GLY H 21 2.90 6.55 0.56
CA GLY H 21 3.14 6.86 1.95
C GLY H 21 2.34 8.08 2.39
N THR H 22 1.89 8.06 3.64
CA THR H 22 1.09 9.13 4.22
C THR H 22 1.55 9.37 5.66
N GLN H 23 1.45 10.62 6.09
CA GLN H 23 1.83 11.02 7.44
C GLN H 23 0.73 11.87 8.04
N VAL H 24 0.22 11.45 9.19
CA VAL H 24 -0.81 12.19 9.92
C VAL H 24 -0.24 12.62 11.27
N ARG H 25 -0.27 13.93 11.53
CA ARG H 25 0.15 14.51 12.81
C ARG H 25 -0.91 15.51 13.28
N LEU H 26 -2.06 14.98 13.69
CA LEU H 26 -3.08 15.80 14.31
C LEU H 26 -2.95 15.85 15.83
N GLU H 27 -2.07 15.04 16.40
CA GLU H 27 -1.82 15.04 17.83
C GLU H 27 -0.37 15.43 18.13
N LYS I 5 1.69 -26.50 5.32
CA LYS I 5 0.47 -25.70 5.40
C LYS I 5 -0.44 -25.96 4.21
N ALA I 6 -0.93 -27.20 4.10
CA ALA I 6 -1.73 -27.64 2.97
C ALA I 6 -3.16 -27.88 3.44
N VAL I 7 -4.11 -27.27 2.74
CA VAL I 7 -5.54 -27.41 3.03
C VAL I 7 -6.19 -28.05 1.82
N ILE I 8 -6.79 -29.22 2.02
CA ILE I 8 -7.50 -29.90 0.95
C ILE I 8 -8.91 -29.33 0.91
N LYS I 9 -9.24 -28.60 -0.15
CA LYS I 9 -10.57 -28.01 -0.28
C LYS I 9 -11.57 -29.03 -0.82
N ASN I 10 -11.15 -29.79 -1.82
CA ASN I 10 -11.99 -30.85 -2.35
C ASN I 10 -11.08 -31.95 -2.85
N ALA I 11 -11.51 -33.20 -2.65
CA ALA I 11 -10.72 -34.34 -3.08
C ALA I 11 -11.63 -35.53 -3.29
N ASP I 12 -11.30 -36.30 -4.33
CA ASP I 12 -11.85 -37.63 -4.59
C ASP I 12 -10.59 -38.41 -4.98
N MET I 13 -9.83 -38.83 -3.98
CA MET I 13 -8.53 -39.44 -4.22
C MET I 13 -8.09 -40.19 -2.98
N SER I 14 -7.33 -41.27 -3.19
CA SER I 14 -6.77 -42.02 -2.08
C SER I 14 -5.92 -41.13 -1.20
N GLU I 15 -5.92 -41.42 0.11
CA GLU I 15 -5.16 -40.60 1.05
C GLU I 15 -3.67 -40.67 0.75
N GLU I 16 -3.20 -41.83 0.30
CA GLU I 16 -1.80 -41.94 -0.09
C GLU I 16 -1.52 -41.17 -1.37
N MET I 17 -2.41 -41.25 -2.35
CA MET I 17 -2.25 -40.40 -3.54
C MET I 17 -2.45 -38.94 -3.19
N GLN I 18 -3.38 -38.64 -2.27
CA GLN I 18 -3.53 -37.27 -1.76
C GLN I 18 -2.22 -36.80 -1.13
N GLN I 19 -1.64 -37.63 -0.25
CA GLN I 19 -0.39 -37.25 0.39
C GLN I 19 0.72 -37.13 -0.66
N ASP I 20 0.67 -38.00 -1.67
CA ASP I 20 1.63 -37.93 -2.77
C ASP I 20 1.48 -36.61 -3.55
N ALA I 21 0.22 -36.22 -3.83
CA ALA I 21 -0.04 -34.98 -4.55
C ALA I 21 0.54 -33.76 -3.85
N VAL I 22 0.33 -33.65 -2.54
CA VAL I 22 0.85 -32.49 -1.81
C VAL I 22 2.37 -32.54 -1.77
N ASP I 23 2.95 -33.72 -1.54
CA ASP I 23 4.40 -33.86 -1.55
C ASP I 23 4.97 -33.44 -2.90
N CYS I 24 4.36 -33.91 -3.99
CA CYS I 24 4.81 -33.52 -5.33
C CYS I 24 4.70 -32.01 -5.52
N ALA I 25 3.64 -31.40 -4.99
CA ALA I 25 3.47 -29.96 -5.13
C ALA I 25 4.55 -29.19 -4.38
N THR I 26 4.82 -29.60 -3.14
CA THR I 26 5.84 -28.92 -2.34
C THR I 26 7.18 -28.84 -3.07
N GLN I 27 7.62 -29.96 -3.63
CA GLN I 27 8.87 -29.96 -4.39
C GLN I 27 8.77 -29.07 -5.62
N ALA I 28 7.67 -29.17 -6.35
CA ALA I 28 7.44 -28.26 -7.48
C ALA I 28 7.49 -26.82 -6.99
N LEU I 29 6.96 -26.58 -5.79
CA LEU I 29 6.97 -25.25 -5.19
C LEU I 29 8.39 -24.80 -4.86
N GLU I 30 9.27 -25.75 -4.48
CA GLU I 30 10.65 -25.43 -4.13
C GLU I 30 11.42 -24.93 -5.34
N LYS I 31 11.27 -25.58 -6.49
CA LYS I 31 12.16 -25.35 -7.62
C LYS I 31 11.65 -24.35 -8.67
N TYR I 32 10.35 -24.23 -8.87
CA TYR I 32 9.85 -23.45 -10.00
C TYR I 32 8.98 -22.31 -9.50
N ASN I 33 8.87 -21.27 -10.32
CA ASN I 33 8.16 -20.06 -9.93
C ASN I 33 6.99 -19.68 -10.82
N ILE I 34 6.99 -20.11 -12.08
CA ILE I 34 5.89 -19.79 -13.00
C ILE I 34 4.84 -20.89 -12.88
N GLU I 35 3.58 -20.48 -12.75
CA GLU I 35 2.51 -21.45 -12.53
C GLU I 35 2.49 -22.51 -13.63
N LYS I 36 2.74 -22.10 -14.89
CA LYS I 36 2.84 -23.07 -15.97
C LYS I 36 3.93 -24.09 -15.70
N ASP I 37 5.07 -23.64 -15.18
CA ASP I 37 6.17 -24.56 -14.92
C ASP I 37 5.88 -25.45 -13.72
N ILE I 38 5.26 -24.88 -12.68
CA ILE I 38 4.80 -25.68 -11.54
C ILE I 38 3.85 -26.77 -12.01
N ALA I 39 2.84 -26.38 -12.81
CA ALA I 39 1.86 -27.34 -13.30
C ALA I 39 2.49 -28.43 -14.16
N ALA I 40 3.46 -28.06 -15.02
CA ALA I 40 4.08 -29.04 -15.90
C ALA I 40 4.79 -30.12 -15.09
N TYR I 41 5.54 -29.72 -14.08
CA TYR I 41 6.22 -30.68 -13.21
C TYR I 41 5.22 -31.65 -12.60
N ILE I 42 4.09 -31.14 -12.11
CA ILE I 42 3.11 -31.98 -11.44
C ILE I 42 2.49 -32.98 -12.40
N LYS I 43 2.03 -32.49 -13.55
CA LYS I 43 1.39 -33.37 -14.53
C LYS I 43 2.34 -34.47 -14.99
N LYS I 44 3.61 -34.13 -15.21
CA LYS I 44 4.57 -35.14 -15.65
C LYS I 44 4.80 -36.20 -14.59
N GLU I 45 5.06 -35.78 -13.35
CA GLU I 45 5.31 -36.73 -12.28
C GLU I 45 4.12 -37.67 -12.07
N PHE I 46 2.91 -37.13 -12.14
CA PHE I 46 1.72 -37.97 -11.97
C PHE I 46 1.39 -38.78 -13.21
N ASP I 47 1.89 -38.39 -14.39
CA ASP I 47 1.71 -39.21 -15.58
C ASP I 47 2.58 -40.47 -15.55
N LYS I 48 3.76 -40.40 -14.95
CA LYS I 48 4.60 -41.59 -14.87
C LYS I 48 4.16 -42.52 -13.74
N LYS I 49 4.11 -42.01 -12.51
CA LYS I 49 3.86 -42.87 -11.35
C LYS I 49 2.48 -43.51 -11.44
N TYR I 50 1.47 -42.74 -11.82
CA TYR I 50 0.14 -43.25 -12.12
C TYR I 50 -0.11 -43.01 -13.59
N ASN I 51 -0.93 -43.85 -14.21
CA ASN I 51 -0.96 -43.84 -15.66
C ASN I 51 -1.57 -42.55 -16.21
N PRO I 52 -1.14 -42.14 -17.40
CA PRO I 52 -1.75 -40.98 -18.06
C PRO I 52 -3.25 -41.22 -18.24
N THR I 53 -4.00 -40.13 -18.40
CA THR I 53 -3.45 -38.79 -18.53
C THR I 53 -3.97 -37.79 -17.50
N TRP I 54 -3.06 -36.99 -16.96
CA TRP I 54 -3.37 -36.02 -15.92
C TRP I 54 -3.31 -34.61 -16.48
N HIS I 55 -3.94 -33.70 -15.75
CA HIS I 55 -3.93 -32.27 -16.07
C HIS I 55 -3.83 -31.51 -14.76
N CYS I 56 -3.08 -30.41 -14.78
CA CYS I 56 -2.80 -29.65 -13.57
C CYS I 56 -3.03 -28.17 -13.87
N ILE I 57 -3.75 -27.50 -12.98
CA ILE I 57 -4.01 -26.07 -13.08
C ILE I 57 -3.46 -25.43 -11.81
N VAL I 58 -2.61 -24.41 -11.97
CA VAL I 58 -2.01 -23.73 -10.84
C VAL I 58 -2.28 -22.24 -10.97
N GLY I 59 -2.84 -21.63 -9.93
CA GLY I 59 -3.14 -20.22 -9.94
C GLY I 59 -3.74 -19.79 -8.62
N ARG I 60 -4.02 -18.50 -8.54
CA ARG I 60 -4.65 -17.92 -7.36
C ARG I 60 -6.07 -17.45 -7.60
N ASN I 61 -6.48 -17.22 -8.84
CA ASN I 61 -7.87 -16.84 -9.15
C ASN I 61 -8.23 -17.55 -10.46
N PHE I 62 -9.04 -18.60 -10.33
CA PHE I 62 -9.55 -19.34 -11.48
C PHE I 62 -10.73 -20.19 -11.04
N GLY I 63 -11.63 -20.43 -11.99
CA GLY I 63 -12.74 -21.35 -11.79
C GLY I 63 -12.72 -22.42 -12.86
N SER I 64 -13.14 -23.63 -12.46
CA SER I 64 -13.02 -24.78 -13.34
C SER I 64 -14.29 -25.62 -13.30
N TYR I 65 -14.60 -26.24 -14.44
CA TYR I 65 -15.58 -27.32 -14.52
C TYR I 65 -14.97 -28.38 -15.42
N VAL I 66 -14.60 -29.52 -14.82
CA VAL I 66 -13.87 -30.57 -15.50
C VAL I 66 -14.61 -31.88 -15.35
N THR I 67 -14.20 -32.86 -16.16
CA THR I 67 -14.68 -34.24 -16.04
C THR I 67 -13.47 -35.12 -15.76
N HIS I 68 -13.53 -35.88 -14.67
CA HIS I 68 -12.38 -36.65 -14.22
C HIS I 68 -12.78 -38.08 -13.93
N GLU I 69 -11.82 -38.99 -14.09
CA GLU I 69 -12.01 -40.35 -13.62
C GLU I 69 -12.12 -40.36 -12.10
N THR I 70 -13.00 -41.23 -11.60
CA THR I 70 -13.22 -41.34 -10.16
C THR I 70 -11.95 -41.76 -9.44
N ARG I 71 -11.79 -41.28 -8.21
CA ARG I 71 -10.62 -41.50 -7.37
C ARG I 71 -9.37 -40.83 -7.92
N HIS I 72 -9.53 -39.82 -8.78
CA HIS I 72 -8.40 -39.15 -9.41
C HIS I 72 -8.69 -37.66 -9.52
N PHE I 73 -9.01 -37.04 -8.39
CA PHE I 73 -9.28 -35.61 -8.36
C PHE I 73 -8.83 -35.06 -7.01
N ILE I 74 -8.17 -33.91 -7.05
CA ILE I 74 -7.78 -33.21 -5.84
C ILE I 74 -7.69 -31.72 -6.17
N TYR I 75 -8.20 -30.90 -5.24
CA TYR I 75 -8.14 -29.45 -5.38
C TYR I 75 -7.75 -28.91 -4.01
N PHE I 76 -6.57 -28.31 -3.91
CA PHE I 76 -6.05 -27.97 -2.59
C PHE I 76 -5.17 -26.74 -2.68
N TYR I 77 -5.00 -26.10 -1.53
CA TYR I 77 -4.12 -24.95 -1.37
C TYR I 77 -2.83 -25.34 -0.67
N LEU I 78 -1.72 -24.81 -1.18
CA LEU I 78 -0.44 -24.83 -0.49
C LEU I 78 -0.03 -23.37 -0.40
N GLY I 79 -0.02 -22.83 0.82
CA GLY I 79 0.12 -21.40 0.97
C GLY I 79 -1.06 -20.68 0.35
N GLN I 80 -0.77 -19.67 -0.46
CA GLN I 80 -1.79 -18.85 -1.10
C GLN I 80 -2.18 -19.30 -2.50
N VAL I 81 -1.66 -20.43 -2.99
CA VAL I 81 -1.85 -20.81 -4.39
C VAL I 81 -2.70 -22.09 -4.43
N ALA I 82 -3.67 -22.11 -5.33
CA ALA I 82 -4.53 -23.27 -5.53
C ALA I 82 -3.99 -24.19 -6.60
N ILE I 83 -4.08 -25.49 -6.35
CA ILE I 83 -3.61 -26.52 -7.28
C ILE I 83 -4.79 -27.43 -7.59
N LEU I 84 -5.12 -27.53 -8.88
CA LEU I 84 -6.14 -28.44 -9.36
C LEU I 84 -5.45 -29.52 -10.19
N LEU I 85 -5.60 -30.77 -9.75
CA LEU I 85 -4.97 -31.90 -10.42
C LEU I 85 -6.00 -33.02 -10.57
N PHE I 86 -6.15 -33.52 -11.79
CA PHE I 86 -7.15 -34.55 -12.03
C PHE I 86 -6.78 -35.36 -13.25
N LYS I 87 -7.40 -36.52 -13.37
CA LYS I 87 -7.15 -37.46 -14.45
C LYS I 87 -8.45 -37.65 -15.23
N SER I 88 -8.38 -37.53 -16.55
CA SER I 88 -9.54 -37.69 -17.43
C SER I 88 -9.15 -38.61 -18.58
N GLY I 89 -9.42 -39.90 -18.39
CA GLY I 89 -9.04 -40.91 -19.34
C GLY I 89 -7.54 -41.00 -19.50
N LYS J 5 -13.67 -8.77 -28.46
CA LYS J 5 -12.39 -8.54 -27.81
C LYS J 5 -11.69 -9.85 -27.47
N ALA J 6 -11.36 -10.63 -28.49
CA ALA J 6 -10.77 -11.95 -28.28
C ALA J 6 -9.36 -11.96 -28.85
N VAL J 7 -8.37 -12.27 -28.00
CA VAL J 7 -7.00 -12.48 -28.42
C VAL J 7 -6.59 -13.88 -27.98
N ILE J 8 -6.27 -14.73 -28.95
CA ILE J 8 -5.87 -16.12 -28.69
C ILE J 8 -4.37 -16.15 -28.42
N LYS J 9 -4.00 -16.68 -27.26
CA LYS J 9 -2.58 -16.73 -26.95
C LYS J 9 -1.86 -17.84 -27.71
N ASN J 10 -2.44 -19.04 -27.71
CA ASN J 10 -1.93 -20.17 -28.46
C ASN J 10 -3.09 -21.11 -28.76
N ALA J 11 -3.02 -21.79 -29.91
CA ALA J 11 -4.11 -22.68 -30.32
C ALA J 11 -3.61 -23.79 -31.23
N ASP J 12 -4.21 -24.98 -31.05
CA ASP J 12 -4.07 -26.10 -31.98
C ASP J 12 -5.47 -26.69 -32.20
N MET J 13 -6.25 -26.03 -33.05
CA MET J 13 -7.60 -26.46 -33.37
C MET J 13 -8.07 -25.72 -34.62
N SER J 14 -9.13 -26.24 -35.23
CA SER J 14 -9.59 -25.72 -36.51
C SER J 14 -10.16 -24.31 -36.38
N GLU J 15 -10.29 -23.63 -37.52
CA GLU J 15 -10.66 -22.21 -37.52
C GLU J 15 -12.10 -22.01 -37.07
N GLU J 16 -12.99 -22.91 -37.47
CA GLU J 16 -14.36 -22.83 -36.97
C GLU J 16 -14.37 -23.17 -35.48
N MET J 17 -13.59 -24.19 -35.11
CA MET J 17 -13.43 -24.55 -33.71
C MET J 17 -12.76 -23.42 -32.94
N GLN J 18 -11.86 -22.70 -33.61
CA GLN J 18 -11.32 -21.45 -33.04
C GLN J 18 -12.43 -20.44 -32.79
N GLN J 19 -13.27 -20.20 -33.81
CA GLN J 19 -14.35 -19.22 -33.71
C GLN J 19 -15.45 -19.63 -32.74
N ASP J 20 -15.86 -20.89 -32.76
CA ASP J 20 -16.96 -21.33 -31.90
C ASP J 20 -16.66 -21.13 -30.43
N ALA J 21 -15.41 -21.37 -30.02
CA ALA J 21 -15.01 -21.10 -28.65
C ALA J 21 -15.34 -19.68 -28.22
N VAL J 22 -15.13 -18.71 -29.11
CA VAL J 22 -15.36 -17.31 -28.77
C VAL J 22 -16.85 -17.03 -28.57
N ASP J 23 -17.69 -17.52 -29.48
CA ASP J 23 -19.12 -17.22 -29.39
C ASP J 23 -19.75 -17.73 -28.10
N CYS J 24 -19.54 -19.01 -27.78
CA CYS J 24 -20.11 -19.57 -26.56
C CYS J 24 -19.52 -18.89 -25.32
N ALA J 25 -18.23 -18.57 -25.35
CA ALA J 25 -17.60 -17.92 -24.20
C ALA J 25 -18.11 -16.51 -24.00
N THR J 26 -18.20 -15.72 -25.08
CA THR J 26 -18.73 -14.37 -24.99
C THR J 26 -20.15 -14.37 -24.42
N GLN J 27 -21.01 -15.26 -24.93
CA GLN J 27 -22.38 -15.33 -24.47
C GLN J 27 -22.47 -15.73 -23.00
N ALA J 28 -21.68 -16.73 -22.59
CA ALA J 28 -21.70 -17.19 -21.21
C ALA J 28 -21.41 -16.06 -20.23
N LEU J 29 -20.51 -15.15 -20.59
CA LEU J 29 -20.17 -14.04 -19.71
C LEU J 29 -21.36 -13.11 -19.52
N GLU J 30 -22.19 -12.95 -20.55
CA GLU J 30 -23.38 -12.14 -20.42
C GLU J 30 -24.32 -12.70 -19.37
N LYS J 31 -24.37 -14.02 -19.25
CA LYS J 31 -25.32 -14.68 -18.36
C LYS J 31 -24.78 -14.90 -16.96
N TYR J 32 -23.47 -15.10 -16.80
CA TYR J 32 -22.89 -15.47 -15.52
C TYR J 32 -21.77 -14.52 -15.12
N ASN J 33 -21.50 -14.49 -13.80
CA ASN J 33 -20.47 -13.65 -13.21
C ASN J 33 -19.41 -14.41 -12.46
N ILE J 34 -19.69 -15.62 -11.96
CA ILE J 34 -18.73 -16.40 -11.19
C ILE J 34 -17.95 -17.30 -12.15
N GLU J 35 -16.62 -17.31 -12.02
CA GLU J 35 -15.76 -18.01 -12.98
C GLU J 35 -16.13 -19.49 -13.10
N LYS J 36 -16.40 -20.17 -11.98
CA LYS J 36 -16.76 -21.59 -12.05
C LYS J 36 -18.03 -21.78 -12.86
N ASP J 37 -19.02 -20.89 -12.71
CA ASP J 37 -20.28 -21.04 -13.43
C ASP J 37 -20.10 -20.74 -14.92
N ILE J 38 -19.26 -19.77 -15.24
CA ILE J 38 -18.89 -19.51 -16.63
C ILE J 38 -18.31 -20.77 -17.27
N ALA J 39 -17.36 -21.41 -16.60
CA ALA J 39 -16.73 -22.62 -17.13
C ALA J 39 -17.74 -23.73 -17.34
N ALA J 40 -18.65 -23.93 -16.38
CA ALA J 40 -19.65 -24.97 -16.52
C ALA J 40 -20.56 -24.71 -17.71
N TYR J 41 -21.00 -23.47 -17.88
CA TYR J 41 -21.87 -23.12 -19.01
C TYR J 41 -21.22 -23.46 -20.35
N ILE J 42 -19.95 -23.07 -20.53
CA ILE J 42 -19.27 -23.28 -21.80
C ILE J 42 -18.97 -24.77 -22.00
N LYS J 43 -18.35 -25.39 -21.00
CA LYS J 43 -17.89 -26.79 -21.14
C LYS J 43 -19.04 -27.72 -21.50
N LYS J 44 -20.22 -27.50 -20.91
CA LYS J 44 -21.36 -28.35 -21.23
C LYS J 44 -21.73 -28.23 -22.70
N GLU J 45 -21.83 -27.00 -23.20
CA GLU J 45 -22.15 -26.77 -24.61
C GLU J 45 -21.13 -27.40 -25.54
N PHE J 46 -19.85 -27.29 -25.21
CA PHE J 46 -18.82 -27.86 -26.08
C PHE J 46 -18.80 -29.38 -26.02
N ASP J 47 -19.45 -29.98 -25.01
CA ASP J 47 -19.70 -31.42 -25.06
C ASP J 47 -20.73 -31.75 -26.12
N LYS J 48 -21.68 -30.84 -26.35
CA LYS J 48 -22.73 -31.03 -27.36
C LYS J 48 -22.23 -30.75 -28.78
N LYS J 49 -21.68 -29.55 -29.01
CA LYS J 49 -21.34 -29.15 -30.38
C LYS J 49 -20.31 -30.09 -30.97
N TYR J 50 -19.27 -30.42 -30.21
CA TYR J 50 -18.41 -31.54 -30.50
C TYR J 50 -18.48 -32.47 -29.30
N ASN J 51 -18.40 -33.77 -29.53
CA ASN J 51 -18.77 -34.71 -28.49
C ASN J 51 -17.74 -34.80 -27.36
N PRO J 52 -18.18 -35.24 -26.14
CA PRO J 52 -17.30 -35.31 -24.96
C PRO J 52 -15.99 -36.07 -25.14
N THR J 53 -15.00 -35.81 -24.28
CA THR J 53 -15.17 -34.96 -23.08
C THR J 53 -14.26 -33.73 -23.08
N TRP J 54 -14.85 -32.59 -22.74
CA TRP J 54 -14.20 -31.29 -22.75
C TRP J 54 -13.97 -30.81 -21.33
N HIS J 55 -13.05 -29.85 -21.18
CA HIS J 55 -12.74 -29.25 -19.89
C HIS J 55 -12.49 -27.76 -20.08
N CYS J 56 -12.92 -26.96 -19.10
CA CYS J 56 -12.87 -25.51 -19.21
C CYS J 56 -12.32 -24.88 -17.94
N ILE J 57 -11.39 -23.94 -18.10
CA ILE J 57 -10.82 -23.16 -17.00
C ILE J 57 -11.11 -21.69 -17.29
N VAL J 58 -11.68 -20.99 -16.31
CA VAL J 58 -11.99 -19.57 -16.43
C VAL J 58 -11.37 -18.84 -15.25
N GLY J 59 -10.56 -17.83 -15.52
CA GLY J 59 -9.92 -17.06 -14.47
C GLY J 59 -9.07 -15.96 -15.07
N ARG J 60 -8.46 -15.17 -14.18
CA ARG J 60 -7.58 -14.08 -14.59
C ARG J 60 -6.12 -14.30 -14.22
N ASN J 61 -5.83 -15.18 -13.26
CA ASN J 61 -4.43 -15.47 -12.87
C ASN J 61 -4.34 -16.95 -12.57
N PHE J 62 -3.80 -17.71 -13.53
CA PHE J 62 -3.58 -19.14 -13.36
C PHE J 62 -2.62 -19.62 -14.44
N GLY J 63 -1.88 -20.68 -14.13
CA GLY J 63 -1.06 -21.35 -15.10
C GLY J 63 -1.46 -22.82 -15.19
N SER J 64 -1.43 -23.35 -16.40
CA SER J 64 -1.86 -24.72 -16.61
C SER J 64 -0.92 -25.50 -17.53
N TYR J 65 -0.75 -26.78 -17.23
CA TYR J 65 -0.05 -27.71 -18.11
C TYR J 65 -0.97 -28.90 -18.27
N VAL J 66 -1.52 -29.06 -19.46
CA VAL J 66 -2.53 -30.06 -19.72
C VAL J 66 -2.06 -30.92 -20.88
N THR J 67 -2.71 -32.06 -21.06
CA THR J 67 -2.50 -32.92 -22.21
C THR J 67 -3.83 -33.05 -22.92
N HIS J 68 -3.85 -32.78 -24.21
CA HIS J 68 -5.09 -32.68 -24.95
C HIS J 68 -5.00 -33.57 -26.17
N GLU J 69 -6.15 -34.02 -26.65
CA GLU J 69 -6.18 -34.67 -27.95
C GLU J 69 -5.68 -33.68 -28.99
N THR J 70 -4.93 -34.18 -29.96
CA THR J 70 -4.35 -33.32 -30.98
C THR J 70 -5.47 -32.64 -31.77
N ARG J 71 -5.20 -31.41 -32.21
CA ARG J 71 -6.16 -30.56 -32.90
C ARG J 71 -7.32 -30.15 -32.01
N HIS J 72 -7.12 -30.18 -30.68
CA HIS J 72 -8.17 -29.88 -29.70
C HIS J 72 -7.62 -29.14 -28.48
N PHE J 73 -7.01 -27.97 -28.70
CA PHE J 73 -6.51 -27.15 -27.60
C PHE J 73 -6.65 -25.68 -27.94
N ILE J 74 -7.09 -24.88 -26.96
CA ILE J 74 -7.18 -23.43 -27.12
C ILE J 74 -7.01 -22.77 -25.77
N TYR J 75 -6.24 -21.68 -25.75
CA TYR J 75 -6.06 -20.84 -24.57
C TYR J 75 -6.12 -19.40 -25.05
N PHE J 76 -7.09 -18.64 -24.56
CA PHE J 76 -7.31 -17.31 -25.13
C PHE J 76 -7.80 -16.36 -24.06
N TYR J 77 -7.63 -15.07 -24.34
CA TYR J 77 -8.05 -13.99 -23.46
C TYR J 77 -9.34 -13.38 -23.97
N LEU J 78 -10.30 -13.15 -23.06
CA LEU J 78 -11.51 -12.38 -23.35
C LEU J 78 -11.65 -11.29 -22.31
N GLY J 79 -11.51 -10.04 -22.73
CA GLY J 79 -11.49 -8.96 -21.75
C GLY J 79 -10.33 -9.18 -20.79
N GLN J 80 -10.63 -9.15 -19.50
CA GLN J 80 -9.62 -9.37 -18.48
C GLN J 80 -9.53 -10.82 -18.02
N VAL J 81 -10.29 -11.74 -18.62
CA VAL J 81 -10.37 -13.11 -18.14
C VAL J 81 -9.84 -14.06 -19.21
N ALA J 82 -9.02 -15.03 -18.79
CA ALA J 82 -8.49 -16.07 -19.66
C ALA J 82 -9.37 -17.31 -19.62
N ILE J 83 -9.60 -17.91 -20.79
CA ILE J 83 -10.41 -19.12 -20.90
C ILE J 83 -9.57 -20.20 -21.59
N LEU J 84 -9.42 -21.35 -20.92
CA LEU J 84 -8.73 -22.51 -21.46
C LEU J 84 -9.75 -23.61 -21.71
N LEU J 85 -9.83 -24.07 -22.95
CA LEU J 85 -10.80 -25.09 -23.37
C LEU J 85 -10.10 -26.14 -24.20
N PHE J 86 -10.29 -27.41 -23.85
CA PHE J 86 -9.66 -28.51 -24.56
C PHE J 86 -10.46 -29.79 -24.36
N LYS J 87 -10.17 -30.79 -25.17
CA LYS J 87 -10.92 -32.05 -25.17
C LYS J 87 -10.03 -33.21 -24.75
N SER J 88 -10.46 -33.92 -23.72
CA SER J 88 -9.80 -35.16 -23.31
C SER J 88 -10.83 -36.18 -22.84
S SO4 K . 6.65 -21.70 14.50
O1 SO4 K . 5.99 -22.75 13.69
O2 SO4 K . 5.89 -20.50 14.29
O3 SO4 K . 8.01 -21.48 14.06
O4 SO4 K . 6.72 -21.91 15.95
S SO4 L . 0.27 18.06 2.42
O1 SO4 L . -0.14 17.14 1.37
O2 SO4 L . -0.88 18.80 2.91
O3 SO4 L . 1.26 18.99 1.88
O4 SO4 L . 0.86 17.31 3.52
S SO4 M . -8.51 -44.21 0.56
O1 SO4 M . -9.14 -44.90 1.69
O2 SO4 M . -9.49 -43.33 -0.06
O3 SO4 M . -7.39 -43.42 1.04
O4 SO4 M . -8.06 -45.19 -0.41
#